data_6WVF
#
_entry.id   6WVF
#
_cell.length_a   53.381
_cell.length_b   53.381
_cell.length_c   280.740
_cell.angle_alpha   90.000
_cell.angle_beta   90.000
_cell.angle_gamma   120.000
#
_symmetry.space_group_name_H-M   'P 32 2 1'
#
loop_
_entity.id
_entity.type
_entity.pdbx_description
1 polymer 'Green fluorescent protein,Disulfide bond formation protein B,Green fluorescent protein'
2 non-polymer UBIQUINONE-1
3 water water
#
_entity_poly.entity_id   1
_entity_poly.type   'polypeptide(L)'
_entity_poly.pdbx_seq_one_letter_code
;MSKGEELFTGVVPILVELDGDVNGHKFSVRGEGEGDATNGKLTLKFICTTGKLPVPWPTLVTTL(CRO)VQCFSRYPDHM
KRHDFFKSAMPEGYVQERTISFKDDGTYKTRAEVKFEGDTLVNRIELKGIDFKEDGNILGHKLEYNNQASQGRGAWLLMA
FTALALELTALWFQHVMLLKPCVLCIYERVALFGVLGAALIGAIAPKTPLRYVAMVIWLYSAFRGVQLTYEHTMLQLYPS
PFATSDFMVRFPEWLPLDKWVPQVFVASGDCAERQWDFLGLEMPQWLLGIFIAYLIVAVLVVISQPFKNSHNVYITADKQ
KNGIKANFKIRHNVEDGSVQLADHYQQNTPIGDGPVLLPDNHYLSTQSVLSKDPNEKRDHMVLLEFVTAAGITHHHHHHH
HHH
;
_entity_poly.pdbx_strand_id   A
#
# COMPACT_ATOMS: atom_id res chain seq x y z
N LYS A 3 -7.48 -34.80 2.36
CA LYS A 3 -8.75 -34.50 1.71
C LYS A 3 -9.51 -33.39 2.46
N GLY A 4 -8.75 -32.49 3.08
CA GLY A 4 -9.36 -31.39 3.82
C GLY A 4 -9.77 -30.20 2.99
N GLU A 5 -9.36 -30.15 1.72
CA GLU A 5 -9.72 -29.01 0.87
C GLU A 5 -11.21 -28.97 0.59
N GLU A 6 -11.88 -30.13 0.56
CA GLU A 6 -13.31 -30.16 0.30
C GLU A 6 -14.11 -29.54 1.44
N LEU A 7 -13.53 -29.44 2.63
CA LEU A 7 -14.23 -28.81 3.75
C LEU A 7 -14.32 -27.30 3.59
N PHE A 8 -13.39 -26.70 2.87
CA PHE A 8 -13.33 -25.25 2.71
C PHE A 8 -14.03 -24.75 1.46
N THR A 9 -14.69 -25.63 0.71
CA THR A 9 -15.49 -25.21 -0.43
C THR A 9 -16.76 -24.55 0.07
N GLY A 10 -16.93 -23.27 -0.24
CA GLY A 10 -18.06 -22.52 0.27
C GLY A 10 -17.66 -21.65 1.45
N VAL A 11 -18.56 -21.50 2.42
CA VAL A 11 -18.32 -20.65 3.59
C VAL A 11 -18.49 -21.49 4.84
N VAL A 12 -17.53 -21.38 5.75
CA VAL A 12 -17.57 -22.12 7.01
C VAL A 12 -17.39 -21.14 8.18
N PRO A 13 -18.03 -21.38 9.32
CA PRO A 13 -17.90 -20.44 10.45
C PRO A 13 -16.52 -20.50 11.09
N ILE A 14 -16.18 -19.43 11.80
CA ILE A 14 -14.90 -19.28 12.45
C ILE A 14 -15.13 -18.84 13.90
N LEU A 15 -14.32 -19.36 14.81
CA LEU A 15 -14.34 -18.96 16.22
C LEU A 15 -12.91 -18.83 16.71
N VAL A 16 -12.57 -17.67 17.26
CA VAL A 16 -11.21 -17.38 17.71
C VAL A 16 -11.25 -16.92 19.15
N GLU A 17 -10.51 -17.60 20.02
CA GLU A 17 -10.35 -17.20 21.41
C GLU A 17 -8.86 -17.00 21.69
N LEU A 18 -8.55 -15.94 22.44
CA LEU A 18 -7.16 -15.59 22.70
C LEU A 18 -7.01 -15.15 24.15
N ASP A 19 -6.12 -15.81 24.89
CA ASP A 19 -5.73 -15.40 26.22
C ASP A 19 -4.30 -14.88 26.17
N GLY A 20 -4.10 -13.64 26.61
CA GLY A 20 -2.81 -13.00 26.49
C GLY A 20 -2.36 -12.36 27.79
N ASP A 21 -1.04 -12.22 27.90
CA ASP A 21 -0.43 -11.60 29.07
C ASP A 21 0.80 -10.82 28.59
N VAL A 22 0.72 -9.49 28.63
CA VAL A 22 1.79 -8.62 28.17
C VAL A 22 2.29 -7.82 29.36
N ASN A 23 3.46 -8.18 29.88
CA ASN A 23 4.07 -7.49 31.02
C ASN A 23 3.12 -7.44 32.21
N GLY A 24 2.42 -8.56 32.44
CA GLY A 24 1.48 -8.69 33.53
C GLY A 24 0.06 -8.27 33.17
N HIS A 25 -0.09 -7.41 32.16
CA HIS A 25 -1.42 -6.98 31.74
C HIS A 25 -2.10 -8.10 30.97
N LYS A 26 -3.14 -8.68 31.57
CA LYS A 26 -3.85 -9.80 30.98
C LYS A 26 -5.08 -9.31 30.23
N PHE A 27 -5.47 -10.06 29.21
CA PHE A 27 -6.64 -9.72 28.40
C PHE A 27 -7.16 -10.98 27.73
N SER A 28 -8.37 -10.88 27.20
CA SER A 28 -9.01 -11.97 26.48
C SER A 28 -9.79 -11.40 25.30
N VAL A 29 -9.67 -12.05 24.15
CA VAL A 29 -10.35 -11.62 22.93
C VAL A 29 -11.14 -12.80 22.39
N ARG A 30 -12.39 -12.53 21.98
CA ARG A 30 -13.29 -13.54 21.43
C ARG A 30 -13.70 -13.11 20.04
N GLY A 31 -13.43 -13.97 19.05
CA GLY A 31 -13.69 -13.65 17.66
C GLY A 31 -14.78 -14.53 17.07
N GLU A 32 -15.56 -13.96 16.16
CA GLU A 32 -16.65 -14.67 15.52
C GLU A 32 -16.81 -14.15 14.09
N GLY A 33 -17.08 -15.07 13.17
CA GLY A 33 -17.26 -14.69 11.78
C GLY A 33 -17.25 -15.91 10.89
N GLU A 34 -17.11 -15.65 9.59
CA GLU A 34 -17.11 -16.70 8.57
C GLU A 34 -15.93 -16.52 7.64
N GLY A 35 -15.55 -17.62 6.99
CA GLY A 35 -14.44 -17.62 6.06
C GLY A 35 -14.77 -18.33 4.77
N ASP A 36 -14.10 -17.91 3.71
CA ASP A 36 -14.32 -18.47 2.36
C ASP A 36 -12.95 -18.67 1.72
N ALA A 37 -12.46 -19.91 1.72
CA ALA A 37 -11.15 -20.20 1.17
C ALA A 37 -11.17 -20.22 -0.36
N THR A 38 -12.32 -20.52 -0.96
CA THR A 38 -12.42 -20.50 -2.42
C THR A 38 -12.24 -19.10 -2.98
N ASN A 39 -12.73 -18.08 -2.26
CA ASN A 39 -12.56 -16.70 -2.68
C ASN A 39 -11.43 -15.99 -1.95
N GLY A 40 -10.84 -16.62 -0.93
CA GLY A 40 -9.72 -16.04 -0.23
C GLY A 40 -10.06 -14.92 0.73
N LYS A 41 -11.28 -14.88 1.24
CA LYS A 41 -11.71 -13.84 2.16
C LYS A 41 -12.23 -14.46 3.45
N LEU A 42 -12.31 -13.62 4.48
CA LEU A 42 -12.89 -14.01 5.76
C LEU A 42 -13.22 -12.76 6.56
N THR A 43 -14.44 -12.71 7.08
CA THR A 43 -14.91 -11.61 7.91
C THR A 43 -14.99 -12.06 9.37
N LEU A 44 -14.51 -11.23 10.28
CA LEU A 44 -14.49 -11.55 11.70
C LEU A 44 -14.73 -10.30 12.51
N LYS A 45 -15.32 -10.47 13.68
CA LYS A 45 -15.55 -9.39 14.64
C LYS A 45 -15.00 -9.81 15.99
N PHE A 46 -13.84 -9.29 16.35
CA PHE A 46 -13.21 -9.59 17.62
C PHE A 46 -13.64 -8.58 18.67
N ILE A 47 -13.90 -9.08 19.88
CA ILE A 47 -14.38 -8.27 20.99
C ILE A 47 -13.55 -8.59 22.22
N CYS A 48 -13.02 -7.55 22.86
CA CYS A 48 -12.29 -7.73 24.10
C CYS A 48 -13.27 -7.97 25.24
N THR A 49 -13.08 -9.07 25.98
CA THR A 49 -13.97 -9.45 27.05
C THR A 49 -13.47 -9.04 28.43
N THR A 50 -12.24 -8.53 28.55
CA THR A 50 -11.69 -8.10 29.82
C THR A 50 -11.71 -6.59 29.98
N GLY A 51 -12.51 -5.89 29.18
CA GLY A 51 -12.59 -4.44 29.27
C GLY A 51 -11.82 -3.74 28.17
N LYS A 52 -10.75 -3.05 28.53
CA LYS A 52 -9.93 -2.31 27.59
C LYS A 52 -8.71 -3.13 27.22
N LEU A 53 -8.42 -3.21 25.92
CA LEU A 53 -7.27 -3.98 25.45
C LEU A 53 -5.98 -3.21 25.78
N PRO A 54 -4.99 -3.85 26.40
CA PRO A 54 -3.76 -3.15 26.75
C PRO A 54 -2.78 -3.00 25.60
N VAL A 55 -3.09 -3.58 24.43
CA VAL A 55 -2.21 -3.50 23.26
C VAL A 55 -3.04 -3.00 22.08
N PRO A 56 -2.40 -2.41 21.07
CA PRO A 56 -3.15 -1.98 19.89
C PRO A 56 -3.70 -3.17 19.12
N TRP A 57 -4.91 -3.01 18.59
CA TRP A 57 -5.52 -4.07 17.81
C TRP A 57 -4.69 -4.52 16.61
N PRO A 58 -4.02 -3.65 15.86
CA PRO A 58 -3.21 -4.16 14.73
C PRO A 58 -2.13 -5.13 15.15
N THR A 59 -1.64 -5.06 16.39
CA THR A 59 -0.59 -5.96 16.83
C THR A 59 -1.09 -7.40 17.02
N LEU A 60 -2.40 -7.59 17.15
CA LEU A 60 -2.97 -8.92 17.35
C LEU A 60 -3.54 -9.52 16.06
N VAL A 61 -3.49 -8.78 14.95
CA VAL A 61 -4.12 -9.26 13.72
C VAL A 61 -3.41 -10.50 13.21
N THR A 62 -2.07 -10.47 13.17
CA THR A 62 -1.32 -11.62 12.69
C THR A 62 -1.52 -12.84 13.56
N THR A 63 -1.82 -12.63 14.85
CA THR A 63 -2.02 -13.77 15.76
C THR A 63 -3.44 -14.31 15.68
N LEU A 64 -4.43 -13.43 15.70
CA LEU A 64 -5.83 -13.84 15.62
C LEU A 64 -6.13 -14.52 14.29
N VAL A 66 -5.45 -18.05 11.14
CA VAL A 66 -6.21 -19.05 10.41
C VAL A 66 -5.87 -19.00 8.93
N GLN A 67 -4.64 -19.39 8.59
CA GLN A 67 -4.15 -19.38 7.23
C GLN A 67 -4.70 -20.51 6.39
N CYS A 68 -5.64 -21.30 6.92
CA CYS A 68 -6.30 -22.34 6.13
C CYS A 68 -7.36 -21.77 5.21
N PHE A 69 -7.66 -20.47 5.29
CA PHE A 69 -8.60 -19.82 4.39
C PHE A 69 -7.88 -19.10 3.26
N SER A 70 -6.80 -19.68 2.76
CA SER A 70 -6.02 -19.09 1.69
C SER A 70 -6.52 -19.56 0.33
N ARG A 71 -6.45 -18.66 -0.66
CA ARG A 71 -6.90 -18.97 -2.01
C ARG A 71 -5.72 -19.51 -2.81
N TYR A 72 -5.46 -20.80 -2.65
CA TYR A 72 -4.42 -21.47 -3.40
C TYR A 72 -4.91 -21.77 -4.81
N PRO A 73 -4.25 -21.26 -5.86
CA PRO A 73 -4.68 -21.58 -7.22
C PRO A 73 -4.57 -23.06 -7.52
N ASP A 74 -5.17 -23.45 -8.65
CA ASP A 74 -5.18 -24.86 -9.03
C ASP A 74 -3.77 -25.38 -9.29
N HIS A 75 -2.87 -24.53 -9.79
CA HIS A 75 -1.48 -24.91 -10.02
C HIS A 75 -0.66 -24.92 -8.74
N MET A 76 -1.29 -24.68 -7.58
CA MET A 76 -0.60 -24.74 -6.30
C MET A 76 -1.40 -25.52 -5.27
N LYS A 77 -2.25 -26.46 -5.72
CA LYS A 77 -3.10 -27.20 -4.80
C LYS A 77 -2.29 -28.15 -3.92
N ARG A 78 -1.19 -28.70 -4.43
CA ARG A 78 -0.36 -29.62 -3.67
C ARG A 78 0.60 -28.90 -2.72
N HIS A 79 0.36 -27.63 -2.42
CA HIS A 79 1.20 -26.86 -1.52
C HIS A 79 0.41 -26.25 -0.37
N ASP A 80 -0.85 -26.63 -0.20
CA ASP A 80 -1.68 -26.11 0.89
C ASP A 80 -1.52 -27.04 2.08
N PHE A 81 -0.49 -26.78 2.89
CA PHE A 81 -0.28 -27.58 4.10
C PHE A 81 -1.42 -27.38 5.10
N PHE A 82 -2.06 -26.21 5.09
CA PHE A 82 -3.08 -25.91 6.08
C PHE A 82 -4.32 -26.77 5.89
N LYS A 83 -4.82 -26.86 4.65
CA LYS A 83 -6.02 -27.64 4.39
C LYS A 83 -5.75 -29.14 4.51
N SER A 84 -4.54 -29.58 4.17
CA SER A 84 -4.22 -31.00 4.25
C SER A 84 -4.22 -31.53 5.67
N ALA A 85 -3.98 -30.66 6.66
CA ALA A 85 -3.99 -31.09 8.05
C ALA A 85 -5.39 -31.18 8.63
N MET A 86 -6.38 -30.56 7.99
CA MET A 86 -7.75 -30.59 8.47
C MET A 86 -8.39 -31.94 8.17
N PRO A 87 -9.42 -32.33 8.94
CA PRO A 87 -10.04 -31.61 10.06
C PRO A 87 -9.29 -31.76 11.37
N GLU A 88 -8.24 -32.59 11.36
CA GLU A 88 -7.48 -32.83 12.59
C GLU A 88 -6.82 -31.55 13.10
N GLY A 89 -6.46 -30.64 12.19
CA GLY A 89 -5.92 -29.35 12.58
C GLY A 89 -4.42 -29.34 12.73
N TYR A 90 -3.91 -28.16 13.10
CA TYR A 90 -2.47 -27.96 13.25
C TYR A 90 -2.24 -26.97 14.39
N VAL A 91 -0.99 -26.92 14.83
CA VAL A 91 -0.54 -25.99 15.87
C VAL A 91 0.35 -24.94 15.22
N GLN A 92 0.14 -23.68 15.59
CA GLN A 92 0.85 -22.56 14.99
C GLN A 92 1.50 -21.74 16.10
N GLU A 93 2.82 -21.84 16.21
CA GLU A 93 3.60 -21.08 17.18
C GLU A 93 4.40 -20.01 16.47
N ARG A 94 4.42 -18.81 17.05
CA ARG A 94 5.12 -17.68 16.46
C ARG A 94 6.00 -16.99 17.49
N THR A 95 6.94 -16.19 16.97
CA THR A 95 7.80 -15.33 17.79
C THR A 95 7.84 -13.98 17.08
N ILE A 96 7.06 -13.03 17.58
CA ILE A 96 6.91 -11.71 16.95
C ILE A 96 7.85 -10.75 17.65
N SER A 97 8.96 -10.41 16.98
CA SER A 97 9.98 -9.53 17.54
C SER A 97 9.70 -8.10 17.10
N PHE A 98 9.24 -7.26 18.03
CA PHE A 98 9.02 -5.86 17.74
C PHE A 98 10.31 -5.08 17.90
N LYS A 99 10.66 -4.29 16.89
CA LYS A 99 11.91 -3.55 16.90
C LYS A 99 11.86 -2.45 17.95
N ASP A 100 12.94 -2.36 18.74
CA ASP A 100 13.08 -1.35 19.79
C ASP A 100 11.98 -1.46 20.85
N ASP A 101 11.41 -2.66 21.02
CA ASP A 101 10.36 -2.87 22.01
C ASP A 101 10.32 -4.32 22.46
N GLY A 102 9.14 -4.80 22.87
CA GLY A 102 9.00 -6.13 23.40
C GLY A 102 8.97 -7.20 22.33
N THR A 103 8.42 -8.36 22.71
CA THR A 103 8.37 -9.51 21.83
C THR A 103 7.17 -10.38 22.19
N TYR A 104 6.35 -10.70 21.20
CA TYR A 104 5.26 -11.64 21.39
C TYR A 104 5.75 -13.07 21.17
N LYS A 105 5.16 -14.00 21.92
CA LYS A 105 5.37 -15.43 21.71
C LYS A 105 4.01 -16.11 21.86
N THR A 106 3.47 -16.62 20.75
CA THR A 106 2.12 -17.16 20.73
C THR A 106 2.16 -18.66 20.48
N ARG A 107 1.06 -19.32 20.85
CA ARG A 107 0.85 -20.73 20.59
C ARG A 107 -0.63 -20.92 20.25
N ALA A 108 -0.92 -21.16 18.98
CA ALA A 108 -2.29 -21.28 18.50
C ALA A 108 -2.60 -22.72 18.13
N GLU A 109 -3.87 -23.08 18.27
CA GLU A 109 -4.35 -24.43 17.95
C GLU A 109 -5.52 -24.28 16.97
N VAL A 110 -5.22 -24.39 15.68
CA VAL A 110 -6.23 -24.25 14.63
C VAL A 110 -6.71 -25.65 14.24
N LYS A 111 -7.99 -25.90 14.44
CA LYS A 111 -8.58 -27.19 14.14
C LYS A 111 -10.07 -27.03 13.89
N PHE A 112 -10.70 -28.11 13.44
CA PHE A 112 -12.13 -28.14 13.20
C PHE A 112 -12.84 -28.78 14.40
N GLU A 113 -13.87 -28.09 14.90
CA GLU A 113 -14.72 -28.62 15.96
C GLU A 113 -16.11 -28.84 15.37
N GLY A 114 -16.26 -29.94 14.64
CA GLY A 114 -17.51 -30.25 13.99
C GLY A 114 -17.72 -29.50 12.70
N ASP A 115 -18.28 -28.29 12.79
CA ASP A 115 -18.56 -27.48 11.62
C ASP A 115 -17.92 -26.09 11.67
N THR A 116 -17.34 -25.70 12.80
CA THR A 116 -16.75 -24.38 12.96
C THR A 116 -15.23 -24.50 13.09
N LEU A 117 -14.52 -23.69 12.33
CA LEU A 117 -13.06 -23.63 12.41
C LEU A 117 -12.67 -22.86 13.68
N VAL A 118 -12.03 -23.54 14.61
CA VAL A 118 -11.69 -22.98 15.92
C VAL A 118 -10.20 -22.72 15.98
N ASN A 119 -9.83 -21.55 16.52
CA ASN A 119 -8.44 -21.15 16.68
C ASN A 119 -8.26 -20.58 18.09
N ARG A 120 -7.84 -21.43 19.02
CA ARG A 120 -7.56 -21.02 20.39
C ARG A 120 -6.08 -20.73 20.53
N ILE A 121 -5.76 -19.54 21.05
CA ILE A 121 -4.40 -19.03 21.08
C ILE A 121 -4.02 -18.64 22.50
N GLU A 122 -2.78 -18.89 22.87
CA GLU A 122 -2.18 -18.38 24.10
C GLU A 122 -1.06 -17.42 23.72
N LEU A 123 -1.08 -16.23 24.32
CA LEU A 123 -0.12 -15.18 24.00
C LEU A 123 0.63 -14.77 25.26
N LYS A 124 1.91 -14.44 25.09
CA LYS A 124 2.76 -14.00 26.19
C LYS A 124 3.63 -12.85 25.69
N GLY A 125 3.37 -11.66 26.21
CA GLY A 125 4.16 -10.48 25.85
C GLY A 125 5.12 -10.13 26.98
N ILE A 126 6.38 -9.86 26.60
CA ILE A 126 7.44 -9.60 27.56
C ILE A 126 8.38 -8.53 27.02
N ASP A 127 9.09 -7.88 27.94
CA ASP A 127 10.12 -6.90 27.62
C ASP A 127 9.55 -5.68 26.89
N PHE A 128 8.29 -5.36 27.15
CA PHE A 128 7.66 -4.20 26.53
C PHE A 128 7.83 -2.97 27.42
N LYS A 129 7.72 -1.80 26.79
CA LYS A 129 7.89 -0.52 27.46
C LYS A 129 6.55 0.21 27.52
N GLU A 130 6.26 0.79 28.68
CA GLU A 130 5.02 1.56 28.82
C GLU A 130 5.06 2.83 27.97
N ASP A 131 6.23 3.42 27.81
CA ASP A 131 6.38 4.59 26.94
C ASP A 131 6.55 4.22 25.47
N GLY A 132 6.67 2.93 25.16
CA GLY A 132 6.82 2.50 23.79
C GLY A 132 5.53 2.62 23.00
N ASN A 133 5.62 2.26 21.72
CA ASN A 133 4.48 2.37 20.82
C ASN A 133 3.45 1.26 21.02
N ILE A 134 3.79 0.20 21.75
CA ILE A 134 2.86 -0.90 21.97
C ILE A 134 1.96 -0.59 23.17
N LEU A 135 2.55 -0.59 24.37
CA LEU A 135 1.78 -0.29 25.56
C LEU A 135 1.28 1.15 25.62
N GLY A 136 1.81 2.03 24.79
CA GLY A 136 1.36 3.40 24.72
C GLY A 136 0.23 3.67 23.75
N HIS A 137 -0.22 2.66 23.01
CA HIS A 137 -1.29 2.78 22.02
C HIS A 137 -0.99 3.89 21.00
N LYS A 138 0.29 4.10 20.69
CA LYS A 138 0.69 5.11 19.72
C LYS A 138 0.53 4.63 18.28
N LEU A 139 0.05 3.41 18.07
CA LEU A 139 -0.19 2.89 16.73
C LEU A 139 -1.61 3.21 16.31
N GLU A 140 -1.75 3.75 15.10
CA GLU A 140 -3.08 4.06 14.60
C GLU A 140 -3.83 2.77 14.24
N TYR A 141 -5.11 2.94 13.89
CA TYR A 141 -5.96 1.78 13.64
C TYR A 141 -5.63 1.13 12.30
N ASN A 142 -5.71 1.90 11.22
CA ASN A 142 -5.49 1.37 9.88
C ASN A 142 -3.98 1.33 9.61
N ASN A 143 -3.39 0.14 9.78
CA ASN A 143 -1.96 -0.07 9.56
C ASN A 143 -1.78 -0.87 8.28
N GLN A 144 -1.30 -0.21 7.22
CA GLN A 144 -1.10 -0.88 5.94
C GLN A 144 -0.08 -0.16 5.06
N ALA A 145 0.16 1.13 5.31
CA ALA A 145 1.09 1.89 4.49
C ALA A 145 1.66 3.04 5.31
N SER A 146 2.94 3.36 5.06
CA SER A 146 3.62 4.37 5.85
C SER A 146 3.04 5.77 5.64
N GLN A 147 2.56 6.06 4.43
CA GLN A 147 1.98 7.36 4.08
C GLN A 147 2.97 8.50 4.36
N GLY A 148 4.13 8.40 3.70
CA GLY A 148 5.19 9.37 3.94
C GLY A 148 4.85 10.74 3.37
N ARG A 149 5.27 11.78 4.09
CA ARG A 149 5.06 13.16 3.66
C ARG A 149 6.21 13.69 2.81
N GLY A 150 7.44 13.28 3.10
CA GLY A 150 8.58 13.71 2.33
C GLY A 150 8.60 13.22 0.90
N ALA A 151 7.80 12.22 0.57
CA ALA A 151 7.76 11.72 -0.81
C ALA A 151 7.06 12.72 -1.72
N TRP A 152 5.93 13.27 -1.28
CA TRP A 152 5.26 14.30 -2.08
C TRP A 152 6.06 15.59 -2.13
N LEU A 153 6.74 15.93 -1.03
CA LEU A 153 7.58 17.13 -1.02
C LEU A 153 8.77 16.97 -1.96
N LEU A 154 9.27 15.76 -2.13
CA LEU A 154 10.35 15.55 -3.08
C LEU A 154 9.86 15.68 -4.51
N MET A 155 8.63 15.24 -4.78
CA MET A 155 8.05 15.46 -6.10
C MET A 155 7.70 16.93 -6.31
N ALA A 156 7.39 17.66 -5.23
CA ALA A 156 7.22 19.09 -5.35
C ALA A 156 8.54 19.79 -5.64
N PHE A 157 9.65 19.22 -5.17
CA PHE A 157 10.97 19.80 -5.45
C PHE A 157 11.31 19.67 -6.92
N THR A 158 11.24 18.45 -7.46
CA THR A 158 11.54 18.25 -8.87
C THR A 158 10.53 18.94 -9.79
N ALA A 159 9.36 19.30 -9.28
CA ALA A 159 8.41 20.06 -10.10
C ALA A 159 8.70 21.55 -10.03
N LEU A 160 8.99 22.07 -8.83
CA LEU A 160 9.32 23.48 -8.69
C LEU A 160 10.69 23.78 -9.26
N ALA A 161 11.62 22.82 -9.24
CA ALA A 161 12.94 23.04 -9.81
C ALA A 161 12.84 23.29 -11.32
N LEU A 162 12.01 22.50 -12.01
CA LEU A 162 11.82 22.71 -13.44
C LEU A 162 11.14 24.04 -13.73
N GLU A 163 10.20 24.45 -12.87
CA GLU A 163 9.55 25.74 -13.05
C GLU A 163 10.55 26.88 -12.93
N LEU A 164 11.33 26.90 -11.85
CA LEU A 164 12.31 27.96 -11.68
C LEU A 164 13.42 27.89 -12.73
N THR A 165 13.75 26.68 -13.19
CA THR A 165 14.71 26.57 -14.28
C THR A 165 14.14 27.13 -15.57
N ALA A 166 12.85 26.94 -15.81
CA ALA A 166 12.19 27.50 -16.98
C ALA A 166 12.22 29.03 -16.93
N LEU A 167 11.91 29.61 -15.78
CA LEU A 167 11.98 31.07 -15.64
C LEU A 167 13.42 31.56 -15.76
N TRP A 168 14.38 30.77 -15.28
CA TRP A 168 15.78 31.15 -15.39
C TRP A 168 16.23 31.13 -16.85
N PHE A 169 15.75 30.17 -17.63
CA PHE A 169 16.05 30.14 -19.06
C PHE A 169 15.52 31.40 -19.75
N GLN A 170 14.33 31.84 -19.37
CA GLN A 170 13.67 32.94 -20.06
C GLN A 170 14.20 34.29 -19.62
N HIS A 171 14.45 34.47 -18.33
CA HIS A 171 14.79 35.79 -17.80
C HIS A 171 16.29 36.04 -17.71
N VAL A 172 17.13 35.02 -17.92
CA VAL A 172 18.58 35.16 -17.87
C VAL A 172 19.20 34.85 -19.23
N MET A 173 18.85 33.70 -19.81
CA MET A 173 19.34 33.34 -21.14
C MET A 173 18.60 34.04 -22.26
N LEU A 174 17.62 34.89 -21.93
CA LEU A 174 16.91 35.72 -22.90
C LEU A 174 16.21 34.89 -23.98
N LEU A 175 15.79 33.69 -23.65
CA LEU A 175 15.07 32.81 -24.58
C LEU A 175 13.61 32.78 -24.16
N LYS A 176 12.81 33.63 -24.81
CA LYS A 176 11.43 33.80 -24.42
C LYS A 176 10.60 32.56 -24.80
N PRO A 177 9.54 32.28 -24.07
CA PRO A 177 8.75 31.07 -24.33
C PRO A 177 7.72 31.26 -25.43
N CYS A 178 7.21 30.12 -25.91
CA CYS A 178 6.18 30.11 -26.93
C CYS A 178 4.79 30.07 -26.29
N VAL A 179 3.77 30.21 -27.14
CA VAL A 179 2.39 30.20 -26.66
C VAL A 179 1.94 28.78 -26.36
N LEU A 180 1.89 27.94 -27.39
CA LEU A 180 1.59 26.53 -27.20
C LEU A 180 2.51 25.91 -26.16
N CYS A 181 3.72 26.46 -26.00
CA CYS A 181 4.61 26.00 -24.95
C CYS A 181 4.06 26.34 -23.57
N ILE A 182 3.77 27.63 -23.34
CA ILE A 182 3.43 28.14 -22.01
C ILE A 182 2.42 27.25 -21.28
N TYR A 183 1.46 26.68 -22.02
CA TYR A 183 0.47 25.80 -21.40
C TYR A 183 1.14 24.64 -20.65
N GLU A 184 2.33 24.23 -21.10
CA GLU A 184 3.06 23.18 -20.39
C GLU A 184 3.52 23.66 -19.01
N ARG A 185 3.74 24.97 -18.85
CA ARG A 185 4.06 25.50 -17.52
C ARG A 185 2.88 25.33 -16.58
N VAL A 186 1.65 25.53 -17.07
CA VAL A 186 0.47 25.33 -16.24
C VAL A 186 0.32 23.87 -15.88
N ALA A 187 0.59 22.97 -16.84
CA ALA A 187 0.48 21.54 -16.58
C ALA A 187 1.48 21.11 -15.52
N LEU A 188 2.72 21.60 -15.60
CA LEU A 188 3.70 21.30 -14.55
C LEU A 188 3.30 21.98 -13.25
N PHE A 189 2.75 23.19 -13.32
CA PHE A 189 2.25 23.85 -12.13
C PHE A 189 1.11 23.07 -11.49
N GLY A 190 0.31 22.40 -12.31
CA GLY A 190 -0.71 21.52 -11.77
C GLY A 190 -0.14 20.28 -11.12
N VAL A 191 1.00 19.78 -11.63
CA VAL A 191 1.69 18.68 -10.99
C VAL A 191 2.27 19.13 -9.65
N LEU A 192 2.88 20.31 -9.62
CA LEU A 192 3.40 20.86 -8.36
C LEU A 192 2.29 21.09 -7.36
N GLY A 193 1.17 21.67 -7.81
CA GLY A 193 0.05 21.88 -6.91
C GLY A 193 -0.50 20.59 -6.35
N ALA A 194 -0.53 19.54 -7.16
CA ALA A 194 -0.95 18.23 -6.67
C ALA A 194 0.00 17.72 -5.60
N ALA A 195 1.29 17.99 -5.74
CA ALA A 195 2.25 17.58 -4.73
C ALA A 195 2.07 18.31 -3.41
N LEU A 196 1.46 19.50 -3.43
CA LEU A 196 1.28 20.25 -2.20
C LEU A 196 0.06 19.77 -1.42
N ILE A 197 -1.08 19.60 -2.10
CA ILE A 197 -2.25 19.06 -1.44
C ILE A 197 -1.99 17.64 -0.94
N GLY A 198 -1.25 16.85 -1.74
CA GLY A 198 -0.90 15.52 -1.31
C GLY A 198 0.03 15.49 -0.11
N ALA A 199 0.81 16.55 0.08
CA ALA A 199 1.75 16.62 1.20
C ALA A 199 1.18 17.35 2.41
N ILE A 200 0.00 17.97 2.29
CA ILE A 200 -0.59 18.66 3.44
C ILE A 200 -1.07 17.66 4.48
N ALA A 201 -1.90 16.70 4.06
CA ALA A 201 -2.45 15.69 4.96
C ALA A 201 -2.58 14.37 4.21
N PRO A 202 -1.47 13.65 4.03
CA PRO A 202 -1.53 12.39 3.27
C PRO A 202 -2.10 11.23 4.08
N LYS A 203 -1.87 11.24 5.39
CA LYS A 203 -2.31 10.15 6.25
C LYS A 203 -3.82 10.02 6.26
N PRO A 205 -6.46 10.85 4.00
CA PRO A 205 -7.47 11.18 2.99
C PRO A 205 -6.99 12.26 2.03
N LEU A 206 -7.84 12.64 1.07
CA LEU A 206 -7.60 13.77 0.18
C LEU A 206 -6.43 13.54 -0.78
N ARG A 207 -5.58 12.56 -0.46
CA ARG A 207 -4.48 12.20 -1.36
C ARG A 207 -5.00 11.79 -2.73
N TYR A 208 -6.17 11.13 -2.79
CA TYR A 208 -6.74 10.74 -4.08
C TYR A 208 -7.09 11.95 -4.92
N VAL A 209 -7.48 13.06 -4.29
CA VAL A 209 -7.72 14.29 -5.03
C VAL A 209 -6.43 14.79 -5.65
N ALA A 210 -5.33 14.72 -4.89
CA ALA A 210 -4.03 15.13 -5.43
C ALA A 210 -3.55 14.17 -6.51
N MET A 211 -3.90 12.89 -6.40
CA MET A 211 -3.39 11.91 -7.36
C MET A 211 -4.08 12.04 -8.71
N VAL A 212 -5.37 12.32 -8.73
CA VAL A 212 -6.06 12.50 -10.00
C VAL A 212 -5.69 13.83 -10.63
N ILE A 213 -5.41 14.86 -9.82
CA ILE A 213 -4.87 16.11 -10.35
C ILE A 213 -3.48 15.88 -10.95
N TRP A 214 -2.65 15.10 -10.24
CA TRP A 214 -1.36 14.71 -10.80
C TRP A 214 -1.55 13.87 -12.06
N LEU A 215 -2.50 12.95 -12.05
CA LEU A 215 -2.78 12.15 -13.24
C LEU A 215 -3.24 13.02 -14.40
N TYR A 216 -4.01 14.07 -14.10
CA TYR A 216 -4.56 14.91 -15.16
C TYR A 216 -3.51 15.89 -15.69
N SER A 217 -2.77 16.53 -14.80
CA SER A 217 -1.79 17.52 -15.22
C SER A 217 -0.67 16.88 -16.03
N ALA A 218 -0.30 15.64 -15.71
CA ALA A 218 0.70 14.93 -16.50
C ALA A 218 0.16 14.53 -17.86
N PHE A 219 -1.12 14.11 -17.91
CA PHE A 219 -1.72 13.75 -19.19
C PHE A 219 -1.92 14.97 -20.08
N ARG A 220 -2.23 16.12 -19.48
CA ARG A 220 -2.27 17.35 -20.26
C ARG A 220 -0.88 17.76 -20.70
N GLY A 221 0.16 17.40 -19.94
CA GLY A 221 1.51 17.73 -20.32
C GLY A 221 1.98 16.91 -21.52
N VAL A 222 1.63 15.62 -21.55
CA VAL A 222 2.02 14.80 -22.70
C VAL A 222 1.21 15.16 -23.94
N GLN A 223 0.04 15.79 -23.76
CA GLN A 223 -0.73 16.24 -24.92
C GLN A 223 -0.15 17.51 -25.52
N LEU A 224 0.19 18.47 -24.66
CA LEU A 224 0.71 19.75 -25.15
C LEU A 224 2.13 19.60 -25.69
N THR A 225 2.96 18.79 -25.03
CA THR A 225 4.31 18.57 -25.52
C THR A 225 4.31 17.75 -26.81
N TYR A 226 3.35 16.86 -26.98
CA TYR A 226 3.23 16.13 -28.25
C TYR A 226 2.94 17.09 -29.39
N GLU A 227 1.97 17.98 -29.20
CA GLU A 227 1.71 19.02 -30.21
C GLU A 227 2.91 19.95 -30.36
N HIS A 228 3.68 20.14 -29.29
CA HIS A 228 4.85 21.01 -29.35
C HIS A 228 5.96 20.39 -30.19
N THR A 229 6.05 19.06 -30.20
CA THR A 229 7.07 18.40 -31.01
C THR A 229 6.70 18.41 -32.49
N MET A 230 5.45 18.08 -32.82
CA MET A 230 5.04 17.99 -34.21
C MET A 230 5.15 19.34 -34.92
N LEU A 231 4.89 20.44 -34.22
CA LEU A 231 5.04 21.76 -34.82
C LEU A 231 6.49 22.12 -35.04
N GLN A 232 7.38 21.71 -34.13
CA GLN A 232 8.80 22.01 -34.23
C GLN A 232 9.55 21.03 -35.12
N LEU A 233 9.05 19.80 -35.29
CA LEU A 233 9.71 18.83 -36.15
C LEU A 233 9.29 18.98 -37.61
N TYR A 234 7.98 18.99 -37.86
CA TYR A 234 7.47 19.08 -39.20
C TYR A 234 7.71 20.48 -39.77
N PRO A 235 7.72 20.60 -41.11
CA PRO A 235 7.83 21.93 -41.73
C PRO A 235 6.85 22.94 -41.16
N SER A 236 7.38 24.06 -40.68
CA SER A 236 6.51 25.11 -40.17
C SER A 236 5.70 25.71 -41.32
N PRO A 237 4.40 25.92 -41.14
CA PRO A 237 3.60 26.50 -42.23
C PRO A 237 4.07 27.87 -42.68
N PHE A 238 4.79 28.60 -41.82
CA PHE A 238 5.39 29.89 -42.15
C PHE A 238 4.34 30.97 -42.41
N ALA A 239 3.12 30.57 -42.78
CA ALA A 239 2.03 31.49 -43.03
C ALA A 239 1.04 31.58 -41.87
N THR A 240 1.08 30.64 -40.94
CA THR A 240 0.25 30.71 -39.74
C THR A 240 0.91 31.68 -38.77
N SER A 241 0.32 32.87 -38.62
CA SER A 241 0.94 33.95 -37.87
C SER A 241 1.06 33.57 -36.38
N ASP A 242 1.72 34.46 -35.64
CA ASP A 242 2.07 34.20 -34.25
C ASP A 242 0.81 34.15 -33.38
N PHE A 243 1.02 33.86 -32.09
CA PHE A 243 -0.07 33.56 -31.18
C PHE A 243 0.12 34.33 -29.88
N MET A 244 -0.92 34.27 -29.05
CA MET A 244 -0.88 34.69 -27.66
C MET A 244 -1.72 33.72 -26.84
N VAL A 245 -1.59 33.78 -25.51
CA VAL A 245 -2.36 32.87 -24.68
C VAL A 245 -3.84 33.21 -24.75
N ARG A 246 -4.68 32.22 -24.46
CA ARG A 246 -6.12 32.39 -24.35
C ARG A 246 -6.57 31.73 -23.04
N PHE A 247 -6.13 32.32 -21.93
CA PHE A 247 -6.52 31.85 -20.61
C PHE A 247 -8.00 32.14 -20.36
N PRO A 248 -8.60 31.44 -19.40
CA PRO A 248 -9.99 31.76 -19.04
C PRO A 248 -10.11 33.17 -18.45
N GLU A 249 -11.34 33.65 -18.41
CA GLU A 249 -11.59 35.03 -17.97
C GLU A 249 -11.32 35.18 -16.47
N TRP A 250 -11.80 34.23 -15.67
CA TRP A 250 -11.62 34.30 -14.22
C TRP A 250 -10.15 34.08 -13.82
N LEU A 251 -9.34 33.51 -14.70
CA LEU A 251 -7.95 33.16 -14.38
C LEU A 251 -7.01 33.81 -15.38
N PRO A 252 -6.78 35.13 -15.27
CA PRO A 252 -5.80 35.79 -16.14
C PRO A 252 -4.37 35.64 -15.61
N LEU A 253 -3.84 34.42 -15.73
CA LEU A 253 -2.50 34.15 -15.21
C LEU A 253 -1.43 34.94 -15.94
N ASP A 254 -1.68 35.29 -17.20
CA ASP A 254 -0.76 36.17 -17.92
C ASP A 254 -0.88 37.61 -17.41
N LYS A 255 -2.07 38.01 -16.97
CA LYS A 255 -2.26 39.35 -16.43
C LYS A 255 -1.84 39.45 -14.96
N TRP A 256 -2.03 38.37 -14.19
CA TRP A 256 -1.65 38.40 -12.78
C TRP A 256 -0.14 38.30 -12.63
N VAL A 257 0.46 37.22 -13.12
CA VAL A 257 1.92 37.05 -13.08
C VAL A 257 2.43 37.04 -14.51
N PRO A 258 2.76 38.21 -15.09
CA PRO A 258 3.14 38.25 -16.50
C PRO A 258 4.49 37.64 -16.81
N GLN A 259 5.39 37.56 -15.83
CA GLN A 259 6.74 37.09 -16.07
C GLN A 259 6.85 35.57 -16.13
N VAL A 260 5.78 34.85 -15.80
CA VAL A 260 5.75 33.41 -15.88
C VAL A 260 4.88 32.93 -17.01
N PHE A 261 3.73 33.56 -17.22
CA PHE A 261 2.79 33.22 -18.29
C PHE A 261 2.89 34.32 -19.34
N VAL A 262 3.95 34.26 -20.16
CA VAL A 262 4.31 35.33 -21.07
C VAL A 262 3.83 35.02 -22.47
N ALA A 263 4.48 34.03 -23.10
CA ALA A 263 4.20 33.62 -24.48
C ALA A 263 4.53 34.73 -25.48
N SER A 264 5.54 35.54 -25.17
CA SER A 264 6.12 36.46 -26.15
C SER A 264 7.07 35.66 -27.02
N GLY A 265 6.68 35.43 -28.27
CA GLY A 265 7.34 34.47 -29.12
C GLY A 265 6.44 33.27 -29.39
N ASP A 266 6.79 32.51 -30.41
CA ASP A 266 5.93 31.43 -30.88
C ASP A 266 6.74 30.17 -31.10
N CYS A 267 6.01 29.05 -31.21
CA CYS A 267 6.61 27.74 -31.44
C CYS A 267 7.06 27.58 -32.88
N ALA A 268 7.17 26.32 -33.33
CA ALA A 268 7.68 25.98 -34.65
C ALA A 268 9.06 26.57 -34.91
N GLU A 269 9.80 26.87 -33.84
CA GLU A 269 11.13 27.46 -33.95
C GLU A 269 12.04 26.75 -32.96
N ARG A 270 13.11 26.16 -33.46
CA ARG A 270 14.01 25.34 -32.65
C ARG A 270 14.89 26.26 -31.81
N GLN A 271 14.58 26.35 -30.52
CA GLN A 271 15.31 27.25 -29.61
C GLN A 271 16.51 26.51 -29.01
N TRP A 272 16.26 25.55 -28.13
CA TRP A 272 17.30 24.64 -27.66
C TRP A 272 17.18 23.31 -28.40
N ASP A 273 18.32 22.70 -28.70
CA ASP A 273 18.36 21.30 -29.10
C ASP A 273 19.71 20.74 -28.70
N PHE A 274 19.71 19.73 -27.84
CA PHE A 274 20.95 19.17 -27.33
C PHE A 274 20.76 17.68 -27.07
N LEU A 275 21.87 16.94 -27.17
CA LEU A 275 21.87 15.49 -27.04
C LEU A 275 20.93 14.82 -28.03
N GLY A 276 20.81 15.41 -29.22
CA GLY A 276 20.02 14.83 -30.29
C GLY A 276 18.53 15.05 -30.22
N LEU A 277 18.04 15.78 -29.22
CA LEU A 277 16.61 16.00 -29.06
C LEU A 277 16.32 17.50 -28.92
N GLU A 278 15.05 17.84 -29.05
CA GLU A 278 14.58 19.21 -28.96
C GLU A 278 14.01 19.49 -27.57
N MET A 279 13.68 20.77 -27.33
CA MET A 279 13.07 21.14 -26.06
C MET A 279 11.72 20.48 -25.83
N PRO A 280 10.78 20.48 -26.79
CA PRO A 280 9.52 19.77 -26.55
C PRO A 280 9.67 18.26 -26.43
N GLN A 281 10.73 17.68 -27.00
CA GLN A 281 10.91 16.25 -26.90
C GLN A 281 11.38 15.84 -25.51
N TRP A 282 12.20 16.68 -24.87
CA TRP A 282 12.61 16.39 -23.49
C TRP A 282 11.44 16.53 -22.54
N LEU A 283 10.64 17.58 -22.70
CA LEU A 283 9.47 17.75 -21.83
C LEU A 283 8.43 16.66 -22.06
N LEU A 284 8.30 16.19 -23.31
CA LEU A 284 7.40 15.07 -23.59
C LEU A 284 7.81 13.84 -22.79
N GLY A 285 9.12 13.58 -22.70
CA GLY A 285 9.59 12.47 -21.89
C GLY A 285 9.45 12.72 -20.40
N ILE A 286 9.59 13.98 -19.98
CA ILE A 286 9.43 14.31 -18.56
C ILE A 286 7.97 14.12 -18.15
N PHE A 287 7.04 14.63 -18.95
CA PHE A 287 5.62 14.45 -18.63
C PHE A 287 5.21 13.00 -18.71
N ILE A 288 5.76 12.25 -19.66
CA ILE A 288 5.51 10.81 -19.70
C ILE A 288 6.05 10.15 -18.43
N ALA A 289 7.24 10.56 -18.00
CA ALA A 289 7.78 10.06 -16.73
C ALA A 289 6.87 10.43 -15.57
N TYR A 290 6.37 11.67 -15.57
CA TYR A 290 5.41 12.08 -14.53
C TYR A 290 4.13 11.27 -14.62
N LEU A 291 3.65 11.01 -15.84
CA LEU A 291 2.42 10.24 -15.99
C LEU A 291 2.63 8.77 -15.65
N ILE A 292 3.79 8.22 -16.02
CA ILE A 292 4.08 6.83 -15.68
C ILE A 292 4.18 6.65 -14.18
N VAL A 293 4.93 7.53 -13.51
CA VAL A 293 5.05 7.46 -12.05
C VAL A 293 3.68 7.67 -11.41
N ALA A 294 2.87 8.56 -11.97
CA ALA A 294 1.51 8.74 -11.47
C ALA A 294 0.68 7.48 -11.66
N VAL A 295 0.85 6.79 -12.79
CA VAL A 295 0.14 5.55 -13.02
C VAL A 295 0.66 4.46 -12.09
N LEU A 296 1.98 4.41 -11.88
CA LEU A 296 2.56 3.40 -11.00
C LEU A 296 2.04 3.56 -9.57
N VAL A 297 1.90 4.81 -9.10
CA VAL A 297 1.40 5.04 -7.75
C VAL A 297 -0.02 4.52 -7.61
N VAL A 298 -0.84 4.69 -8.65
CA VAL A 298 -2.21 4.21 -8.60
C VAL A 298 -2.25 2.69 -8.53
N ILE A 299 -1.50 2.03 -9.41
CA ILE A 299 -1.45 0.57 -9.40
C ILE A 299 -0.77 0.04 -8.15
N SER A 300 0.08 0.85 -7.51
CA SER A 300 0.72 0.41 -6.28
C SER A 300 -0.29 0.30 -5.14
N GLN A 301 -1.26 1.22 -5.10
CA GLN A 301 -2.19 1.30 -3.97
C GLN A 301 -2.85 -0.03 -3.60
N PRO A 302 -3.33 -0.86 -4.54
CA PRO A 302 -3.86 -2.16 -4.11
C PRO A 302 -2.83 -3.07 -3.47
N PHE A 303 -1.64 -3.17 -4.06
CA PHE A 303 -0.60 -4.05 -3.56
C PHE A 303 0.39 -3.36 -2.63
N LYS A 304 0.15 -2.07 -2.32
CA LYS A 304 1.00 -1.36 -1.37
C LYS A 304 0.69 -1.75 0.06
N ASN A 305 -0.53 -2.22 0.32
CA ASN A 305 -1.02 -2.45 1.67
C ASN A 305 -1.01 -3.91 2.08
N SER A 306 -0.42 -4.79 1.26
CA SER A 306 -0.41 -6.22 1.53
C SER A 306 0.99 -6.67 1.93
N HIS A 307 1.04 -7.68 2.80
CA HIS A 307 2.29 -8.26 3.27
C HIS A 307 2.38 -9.71 2.83
N ASN A 308 3.59 -10.15 2.48
CA ASN A 308 3.82 -11.49 1.97
C ASN A 308 4.30 -12.40 3.10
N VAL A 309 3.70 -13.57 3.21
CA VAL A 309 4.06 -14.56 4.22
C VAL A 309 4.83 -15.66 3.49
N TYR A 310 6.15 -15.55 3.50
CA TYR A 310 6.99 -16.50 2.80
C TYR A 310 7.07 -17.80 3.59
N ILE A 311 6.82 -18.92 2.92
CA ILE A 311 6.68 -20.22 3.57
C ILE A 311 7.69 -21.18 2.95
N THR A 312 8.34 -21.98 3.80
CA THR A 312 9.21 -23.06 3.38
C THR A 312 8.72 -24.37 3.98
N ALA A 313 9.34 -25.46 3.52
CA ALA A 313 9.01 -26.79 4.03
C ALA A 313 9.89 -27.14 5.22
N ASP A 314 9.32 -27.94 6.14
CA ASP A 314 10.04 -28.47 7.30
C ASP A 314 9.70 -29.96 7.38
N LYS A 315 10.32 -30.75 6.51
CA LYS A 315 10.06 -32.18 6.48
C LYS A 315 10.62 -32.90 7.71
N GLN A 316 11.62 -32.31 8.38
CA GLN A 316 12.18 -32.94 9.56
C GLN A 316 11.14 -33.04 10.68
N LYS A 317 10.29 -32.03 10.80
CA LYS A 317 9.20 -32.02 11.77
C LYS A 317 7.84 -32.20 11.13
N ASN A 318 7.81 -32.54 9.84
CA ASN A 318 6.57 -32.77 9.10
C ASN A 318 5.65 -31.54 9.16
N GLY A 319 6.25 -30.36 9.10
CA GLY A 319 5.50 -29.12 9.14
C GLY A 319 6.04 -28.06 8.21
N ILE A 320 5.73 -26.78 8.49
CA ILE A 320 6.20 -25.67 7.68
C ILE A 320 6.73 -24.57 8.59
N LYS A 321 7.51 -23.68 8.00
CA LYS A 321 7.99 -22.48 8.67
C LYS A 321 7.66 -21.28 7.79
N ALA A 322 7.50 -20.12 8.42
CA ALA A 322 7.11 -18.92 7.70
C ALA A 322 7.69 -17.69 8.37
N ASN A 323 8.24 -16.79 7.55
CA ASN A 323 8.79 -15.52 8.00
C ASN A 323 8.13 -14.38 7.24
N PHE A 324 7.88 -13.27 7.94
CA PHE A 324 7.34 -12.07 7.32
C PHE A 324 7.49 -10.91 8.27
N LYS A 325 7.48 -9.70 7.70
CA LYS A 325 7.61 -8.47 8.47
C LYS A 325 6.35 -7.64 8.33
N ILE A 326 6.03 -6.90 9.39
CA ILE A 326 4.84 -6.05 9.43
C ILE A 326 5.25 -4.70 10.01
N ARG A 327 5.01 -3.63 9.24
CA ARG A 327 5.30 -2.28 9.67
C ARG A 327 4.00 -1.61 10.12
N HIS A 328 3.92 -1.29 11.41
CA HIS A 328 2.77 -0.59 11.96
C HIS A 328 3.01 0.91 11.91
N ASN A 329 1.99 1.65 11.49
CA ASN A 329 2.09 3.10 11.37
C ASN A 329 1.92 3.72 12.75
N VAL A 330 3.02 4.23 13.31
CA VAL A 330 2.95 4.93 14.59
C VAL A 330 2.31 6.30 14.36
N GLU A 331 1.63 6.80 15.39
CA GLU A 331 1.16 8.18 15.36
C GLU A 331 2.36 9.10 15.14
N ASP A 332 2.14 10.17 14.39
CA ASP A 332 3.18 11.15 14.06
C ASP A 332 4.28 10.53 13.20
N GLY A 333 3.91 9.58 12.33
CA GLY A 333 4.70 9.19 11.19
C GLY A 333 5.75 8.13 11.41
N SER A 334 5.98 7.68 12.64
CA SER A 334 7.05 6.72 12.87
C SER A 334 6.64 5.32 12.38
N VAL A 335 7.63 4.42 12.34
CA VAL A 335 7.42 3.05 11.88
C VAL A 335 7.78 2.10 13.02
N GLN A 336 7.03 1.00 13.12
CA GLN A 336 7.25 -0.02 14.14
C GLN A 336 7.39 -1.37 13.47
N LEU A 337 8.62 -1.89 13.41
CA LEU A 337 8.87 -3.17 12.75
C LEU A 337 8.46 -4.32 13.66
N ALA A 338 7.66 -5.24 13.11
CA ALA A 338 7.22 -6.43 13.82
C ALA A 338 7.73 -7.65 13.06
N ASP A 339 8.87 -8.18 13.48
CA ASP A 339 9.49 -9.31 12.82
C ASP A 339 8.83 -10.61 13.27
N HIS A 340 8.25 -11.34 12.32
CA HIS A 340 7.52 -12.57 12.62
C HIS A 340 8.34 -13.81 12.24
N TYR A 341 8.18 -14.85 13.04
CA TYR A 341 8.78 -16.17 12.77
C TYR A 341 7.74 -17.23 13.10
N GLN A 342 7.19 -17.88 12.08
CA GLN A 342 6.10 -18.81 12.25
C GLN A 342 6.60 -20.26 12.16
N GLN A 343 5.87 -21.15 12.83
CA GLN A 343 6.22 -22.58 12.85
C GLN A 343 4.93 -23.36 13.02
N ASN A 344 4.60 -24.18 12.04
CA ASN A 344 3.35 -24.95 12.04
C ASN A 344 3.65 -26.44 12.07
N THR A 345 2.81 -27.18 12.79
CA THR A 345 2.95 -28.62 12.96
C THR A 345 1.55 -29.23 13.01
N PRO A 346 1.34 -30.34 12.33
CA PRO A 346 0.00 -30.96 12.33
C PRO A 346 -0.33 -31.58 13.67
N ILE A 347 -1.62 -31.63 13.98
CA ILE A 347 -2.10 -32.29 15.19
C ILE A 347 -2.37 -33.77 14.95
N GLY A 348 -3.14 -34.08 13.91
CA GLY A 348 -3.47 -35.45 13.61
C GLY A 348 -2.30 -36.20 13.00
N ASP A 349 -2.56 -37.48 12.69
CA ASP A 349 -1.55 -38.36 12.12
C ASP A 349 -1.68 -38.52 10.61
N GLY A 350 -2.75 -38.01 10.01
CA GLY A 350 -2.91 -38.07 8.58
C GLY A 350 -1.82 -37.31 7.86
N PRO A 351 -1.50 -37.73 6.64
CA PRO A 351 -0.41 -37.08 5.91
C PRO A 351 -0.79 -35.69 5.44
N VAL A 352 0.19 -34.79 5.45
CA VAL A 352 -0.01 -33.40 5.07
C VAL A 352 0.87 -33.09 3.86
N LEU A 353 0.47 -32.07 3.11
CA LEU A 353 1.20 -31.65 1.94
C LEU A 353 2.35 -30.73 2.36
N LEU A 354 3.59 -31.19 2.14
CA LEU A 354 4.76 -30.38 2.42
C LEU A 354 5.03 -29.49 1.20
N PRO A 355 4.85 -28.18 1.33
CA PRO A 355 4.93 -27.30 0.17
C PRO A 355 6.36 -26.88 -0.15
N ASP A 356 6.53 -26.39 -1.37
CA ASP A 356 7.78 -25.75 -1.77
C ASP A 356 7.73 -24.28 -1.37
N ASN A 357 8.81 -23.57 -1.64
CA ASN A 357 8.94 -22.18 -1.21
C ASN A 357 7.93 -21.31 -1.96
N HIS A 358 6.91 -20.84 -1.25
CA HIS A 358 5.92 -19.92 -1.79
C HIS A 358 5.56 -18.90 -0.71
N TYR A 359 4.76 -17.90 -1.08
CA TYR A 359 4.36 -16.86 -0.15
C TYR A 359 2.85 -16.64 -0.24
N LEU A 360 2.29 -16.17 0.87
CA LEU A 360 0.87 -15.85 0.96
C LEU A 360 0.71 -14.34 0.93
N SER A 361 -0.01 -13.83 -0.07
CA SER A 361 -0.28 -12.40 -0.20
C SER A 361 -1.51 -12.08 0.64
N THR A 362 -1.30 -11.41 1.78
CA THR A 362 -2.35 -11.11 2.73
C THR A 362 -2.55 -9.61 2.84
N GLN A 363 -3.78 -9.17 2.67
CA GLN A 363 -4.17 -7.77 2.85
C GLN A 363 -5.33 -7.71 3.83
N SER A 364 -5.25 -6.83 4.81
CA SER A 364 -6.26 -6.71 5.85
C SER A 364 -6.73 -5.27 5.97
N VAL A 365 -8.04 -5.10 6.17
CA VAL A 365 -8.65 -3.80 6.41
C VAL A 365 -9.34 -3.84 7.77
N LEU A 366 -9.02 -2.87 8.62
CA LEU A 366 -9.59 -2.78 9.95
C LEU A 366 -10.68 -1.72 9.97
N SER A 367 -11.82 -2.06 10.56
CA SER A 367 -12.96 -1.15 10.66
C SER A 367 -13.55 -1.24 12.06
N LYS A 368 -14.64 -0.50 12.27
CA LYS A 368 -15.29 -0.44 13.57
C LYS A 368 -16.78 -0.68 13.42
N ASP A 369 -17.39 -1.25 14.45
CA ASP A 369 -18.84 -1.40 14.52
C ASP A 369 -19.42 -0.17 15.20
N PRO A 370 -20.17 0.67 14.47
CA PRO A 370 -20.71 1.89 15.10
C PRO A 370 -21.73 1.64 16.19
N ASN A 371 -22.20 0.41 16.37
CA ASN A 371 -23.20 0.08 17.38
C ASN A 371 -22.67 -0.89 18.43
N GLU A 372 -21.35 -0.95 18.62
CA GLU A 372 -20.74 -1.81 19.62
C GLU A 372 -19.96 -0.94 20.60
N LYS A 373 -20.34 -1.00 21.87
CA LYS A 373 -19.73 -0.15 22.89
C LYS A 373 -18.56 -0.83 23.60
N ARG A 374 -18.22 -2.05 23.23
CA ARG A 374 -17.06 -2.72 23.79
C ARG A 374 -15.83 -2.48 22.92
N ASP A 375 -14.66 -2.73 23.51
CA ASP A 375 -13.41 -2.62 22.78
C ASP A 375 -13.35 -3.75 21.76
N HIS A 376 -13.52 -3.42 20.47
CA HIS A 376 -13.68 -4.43 19.44
C HIS A 376 -12.87 -4.04 18.21
N MET A 377 -12.89 -4.92 17.22
CA MET A 377 -12.18 -4.70 15.96
C MET A 377 -12.83 -5.54 14.88
N VAL A 378 -13.40 -4.91 13.87
CA VAL A 378 -13.95 -5.62 12.73
C VAL A 378 -12.83 -5.90 11.73
N LEU A 379 -12.80 -7.12 11.20
CA LEU A 379 -11.69 -7.59 10.40
C LEU A 379 -12.17 -8.12 9.06
N LEU A 380 -11.36 -7.91 8.03
CA LEU A 380 -11.56 -8.51 6.71
C LEU A 380 -10.20 -8.76 6.10
N GLU A 381 -9.97 -9.98 5.62
CA GLU A 381 -8.68 -10.37 5.09
C GLU A 381 -8.80 -10.89 3.66
N PHE A 382 -7.74 -10.69 2.89
CA PHE A 382 -7.62 -11.21 1.53
C PHE A 382 -6.35 -12.03 1.46
N VAL A 383 -6.50 -13.35 1.39
CA VAL A 383 -5.37 -14.28 1.41
C VAL A 383 -5.34 -15.04 0.09
N THR A 384 -4.23 -14.93 -0.64
CA THR A 384 -4.02 -15.64 -1.88
C THR A 384 -2.59 -16.16 -1.92
N ALA A 385 -2.42 -17.38 -2.42
CA ALA A 385 -1.11 -18.00 -2.50
C ALA A 385 -0.45 -17.68 -3.84
N ALA A 386 0.87 -17.48 -3.80
CA ALA A 386 1.63 -17.16 -5.00
C ALA A 386 3.08 -17.57 -4.78
N GLY A 387 3.87 -17.47 -5.83
CA GLY A 387 5.27 -17.84 -5.76
C GLY A 387 5.79 -18.48 -7.04
N ILE A 388 6.22 -19.73 -6.94
CA ILE A 388 6.73 -20.46 -8.09
C ILE A 388 5.57 -21.12 -8.81
N THR A 389 5.51 -20.94 -10.12
CA THR A 389 4.42 -21.48 -10.93
C THR A 389 4.68 -22.90 -11.40
N HIS A 390 5.90 -23.42 -11.20
CA HIS A 390 6.26 -24.79 -11.59
C HIS A 390 5.97 -25.05 -13.08
#